data_3WUC
#
_entry.id   3WUC
#
_cell.length_a   102.650
_cell.length_b   48.870
_cell.length_c   61.090
_cell.angle_alpha   90.00
_cell.angle_beta   114.08
_cell.angle_gamma   90.00
#
_symmetry.space_group_name_H-M   'C 1 2 1'
#
loop_
_entity.id
_entity.type
_entity.pdbx_description
1 polymer Galectin
2 branched beta-D-galactopyranose-(1-4)-alpha-D-glucopyranose
3 non-polymer 'MALONIC ACID'
4 water water
#
_entity_poly.entity_id   1
_entity_poly.type   'polypeptide(L)'
_entity_poly.pdbx_seq_one_letter_code
;GSMDMEPDVRITNLNLHKGHRVEVRGRIAKGTNRFAVDLGTDSRNLICHCNPRFEYSVDKNTIVLNSKQNDVWDIEKKET
AFPFKSGSETMLIFDFEDCITVHLPDGKEIPFTCRFPIEVINYLALNNIELISISVH
;
_entity_poly.pdbx_strand_id   A,B
#
# COMPACT_ATOMS: atom_id res chain seq x y z
N MET A 3 19.39 6.91 5.94
CA MET A 3 19.56 6.85 4.46
C MET A 3 19.34 8.26 3.88
N ASP A 4 19.79 8.53 2.64
CA ASP A 4 19.57 9.87 2.04
C ASP A 4 18.23 10.06 1.33
N MET A 5 17.67 8.99 0.79
CA MET A 5 16.48 9.10 0.00
C MET A 5 15.24 9.49 0.83
N GLU A 6 14.28 10.09 0.19
CA GLU A 6 13.01 10.51 0.81
C GLU A 6 12.16 9.25 0.98
N PRO A 7 11.72 8.95 2.23
CA PRO A 7 10.83 7.77 2.39
C PRO A 7 9.49 8.10 1.82
N ASP A 8 8.98 7.29 0.88
CA ASP A 8 7.62 7.45 0.34
CA ASP A 8 7.66 7.50 0.43
C ASP A 8 6.81 6.35 1.00
N VAL A 9 5.87 5.77 0.30
CA VAL A 9 4.94 4.81 0.87
C VAL A 9 5.68 3.62 1.53
N ARG A 10 5.16 3.14 2.67
CA ARG A 10 5.48 1.86 3.22
C ARG A 10 4.19 1.06 3.34
N ILE A 11 4.30 -0.22 3.11
CA ILE A 11 3.22 -1.14 3.36
C ILE A 11 3.71 -2.17 4.33
N THR A 12 2.94 -2.41 5.40
CA THR A 12 3.13 -3.54 6.26
C THR A 12 1.98 -4.53 6.22
N ASN A 13 2.17 -5.75 6.71
CA ASN A 13 1.24 -6.81 6.58
C ASN A 13 0.84 -7.09 5.14
N LEU A 14 1.78 -6.99 4.25
CA LEU A 14 1.46 -7.22 2.82
C LEU A 14 0.98 -8.69 2.54
N ASN A 15 1.48 -9.66 3.24
CA ASN A 15 1.10 -11.08 3.11
C ASN A 15 1.24 -11.62 1.72
N LEU A 16 2.36 -11.30 1.07
CA LEU A 16 2.65 -11.75 -0.25
C LEU A 16 3.36 -13.09 -0.18
N HIS A 17 2.72 -14.14 -0.62
CA HIS A 17 3.34 -15.47 -0.59
C HIS A 17 4.04 -15.86 -1.87
N LYS A 18 4.91 -16.92 -1.81
CA LYS A 18 5.54 -17.40 -3.04
C LYS A 18 4.51 -17.86 -4.10
N GLY A 19 4.77 -17.67 -5.39
CA GLY A 19 3.86 -17.95 -6.47
C GLY A 19 3.00 -16.77 -6.85
N HIS A 20 3.25 -15.62 -6.19
CA HIS A 20 2.52 -14.40 -6.40
C HIS A 20 3.48 -13.30 -6.75
N ARG A 21 2.95 -12.21 -7.26
CA ARG A 21 3.74 -11.07 -7.72
C ARG A 21 3.13 -9.76 -7.22
N VAL A 22 3.98 -8.76 -7.12
CA VAL A 22 3.62 -7.36 -6.83
C VAL A 22 4.11 -6.42 -7.93
N GLU A 23 3.20 -5.56 -8.38
CA GLU A 23 3.44 -4.58 -9.42
C GLU A 23 3.39 -3.21 -8.77
N VAL A 24 4.44 -2.42 -8.93
CA VAL A 24 4.62 -1.13 -8.38
C VAL A 24 4.76 -0.10 -9.48
N ARG A 25 3.80 0.80 -9.56
CA ARG A 25 3.88 1.96 -10.46
C ARG A 25 4.06 3.19 -9.69
N GLY A 26 4.90 4.07 -10.18
CA GLY A 26 5.11 5.31 -9.49
C GLY A 26 5.87 6.31 -10.31
N ARG A 27 5.96 7.51 -9.80
CA ARG A 27 6.71 8.60 -10.52
C ARG A 27 8.02 8.87 -9.84
N ILE A 28 9.10 8.65 -10.57
CA ILE A 28 10.45 8.80 -10.00
C ILE A 28 10.64 10.25 -9.68
N ALA A 29 11.17 10.54 -8.49
CA ALA A 29 11.47 11.91 -8.14
C ALA A 29 12.30 12.69 -9.18
N LYS A 30 11.83 13.90 -9.49
CA LYS A 30 12.48 14.75 -10.50
C LYS A 30 13.87 15.08 -10.09
N GLY A 31 14.79 14.91 -11.00
CA GLY A 31 16.16 15.21 -10.82
C GLY A 31 16.91 14.33 -9.79
N THR A 32 16.34 13.21 -9.38
CA THR A 32 16.93 12.42 -8.30
C THR A 32 18.13 11.67 -8.73
N ASN A 33 19.00 11.31 -7.74
CA ASN A 33 20.21 10.56 -7.95
C ASN A 33 19.93 9.03 -8.05
N ARG A 34 18.86 8.55 -7.35
CA ARG A 34 18.53 7.15 -7.30
C ARG A 34 17.15 7.01 -6.67
N PHE A 35 16.55 5.86 -6.89
CA PHE A 35 15.33 5.51 -6.15
C PHE A 35 15.35 4.03 -5.81
N ALA A 36 14.42 3.56 -4.93
CA ALA A 36 14.39 2.18 -4.61
C ALA A 36 13.01 1.69 -4.29
N VAL A 37 12.81 0.44 -4.60
CA VAL A 37 11.67 -0.35 -4.11
C VAL A 37 12.22 -1.48 -3.30
N ASP A 38 11.78 -1.59 -2.02
CA ASP A 38 12.28 -2.62 -1.09
C ASP A 38 11.19 -3.57 -0.69
N LEU A 39 11.51 -4.84 -0.61
CA LEU A 39 10.63 -5.92 -0.17
CA LEU A 39 10.64 -5.91 -0.19
C LEU A 39 11.30 -6.73 0.91
N GLY A 40 10.54 -7.10 1.93
CA GLY A 40 11.07 -7.95 2.94
C GLY A 40 10.11 -8.30 4.03
N THR A 41 10.69 -8.60 5.18
CA THR A 41 9.89 -8.95 6.36
C THR A 41 9.62 -7.74 7.25
N ASP A 42 10.49 -6.74 7.25
CA ASP A 42 10.42 -5.48 7.93
C ASP A 42 11.57 -4.65 7.45
N SER A 43 11.68 -3.41 7.90
CA SER A 43 12.60 -2.42 7.41
C SER A 43 14.12 -2.80 7.58
N ARG A 44 14.34 -3.68 8.53
CA ARG A 44 15.69 -4.15 8.81
C ARG A 44 16.06 -5.41 8.08
N ASN A 45 15.10 -6.03 7.41
CA ASN A 45 15.26 -7.37 6.86
C ASN A 45 14.61 -7.41 5.47
N LEU A 46 15.46 -7.08 4.49
CA LEU A 46 15.02 -6.92 3.03
C LEU A 46 15.51 -8.13 2.21
N ILE A 47 14.53 -8.80 1.59
CA ILE A 47 14.86 -9.88 0.64
C ILE A 47 15.25 -9.25 -0.72
N CYS A 48 14.78 -8.09 -1.01
CA CYS A 48 15.12 -7.42 -2.30
C CYS A 48 15.03 -5.93 -2.14
N HIS A 49 16.16 -5.29 -2.24
CA HIS A 49 16.36 -3.84 -2.37
C HIS A 49 16.74 -3.59 -3.79
N CYS A 50 15.79 -3.00 -4.52
CA CYS A 50 15.97 -2.74 -5.99
C CYS A 50 16.19 -1.32 -6.13
N ASN A 51 17.42 -0.95 -6.51
CA ASN A 51 17.90 0.42 -6.40
C ASN A 51 18.52 1.03 -7.68
N PRO A 52 17.69 1.34 -8.66
CA PRO A 52 18.25 2.05 -9.79
C PRO A 52 18.94 3.38 -9.43
N ARG A 53 20.21 3.54 -9.91
CA ARG A 53 21.02 4.70 -9.68
C ARG A 53 21.33 5.40 -10.97
N PHE A 54 20.79 6.59 -11.05
CA PHE A 54 21.20 7.58 -12.07
C PHE A 54 22.70 7.91 -11.88
N GLU A 55 23.05 8.26 -10.66
CA GLU A 55 24.45 8.57 -10.26
C GLU A 55 24.51 8.45 -8.73
N TYR A 56 25.16 7.40 -8.24
CA TYR A 56 25.43 7.31 -6.81
C TYR A 56 26.59 6.40 -6.63
N SER A 57 27.44 6.74 -5.68
CA SER A 57 28.67 6.01 -5.50
C SER A 57 29.43 5.88 -6.82
N VAL A 58 29.94 4.68 -7.12
CA VAL A 58 30.65 4.49 -8.38
C VAL A 58 29.69 4.16 -9.52
N ASP A 59 28.39 4.12 -9.26
CA ASP A 59 27.41 3.70 -10.26
C ASP A 59 26.71 4.81 -11.01
N LYS A 60 26.70 4.70 -12.34
CA LYS A 60 26.01 5.60 -13.23
CA LYS A 60 25.95 5.62 -13.19
C LYS A 60 25.07 4.79 -14.14
N ASN A 61 23.78 5.12 -14.17
CA ASN A 61 22.77 4.38 -14.93
C ASN A 61 22.93 2.89 -14.82
N THR A 62 22.92 2.44 -13.55
CA THR A 62 23.08 1.08 -13.14
C THR A 62 22.01 0.72 -12.10
N ILE A 63 21.51 -0.50 -12.14
CA ILE A 63 20.63 -1.01 -11.07
C ILE A 63 21.48 -1.77 -10.07
N VAL A 64 21.42 -1.36 -8.80
CA VAL A 64 21.99 -2.22 -7.73
C VAL A 64 20.86 -2.98 -7.09
N LEU A 65 21.04 -4.27 -6.98
CA LEU A 65 20.14 -5.13 -6.16
C LEU A 65 20.90 -5.59 -4.94
N ASN A 66 20.28 -5.67 -3.78
CA ASN A 66 20.89 -6.22 -2.58
C ASN A 66 19.81 -6.74 -1.62
N SER A 67 20.25 -7.43 -0.59
CA SER A 67 19.47 -7.89 0.52
C SER A 67 20.06 -7.32 1.83
N LYS A 68 19.24 -7.25 2.85
CA LYS A 68 19.64 -6.68 4.17
C LYS A 68 19.12 -7.61 5.26
N GLN A 69 20.01 -7.98 6.21
CA GLN A 69 19.62 -8.88 7.27
C GLN A 69 20.00 -8.16 8.58
N ASN A 70 19.04 -7.99 9.48
CA ASN A 70 19.27 -7.31 10.75
C ASN A 70 20.07 -6.01 10.52
N ASP A 71 19.65 -5.21 9.54
CA ASP A 71 20.26 -3.97 9.17
C ASP A 71 21.64 -3.96 8.58
N VAL A 72 22.17 -5.10 8.20
CA VAL A 72 23.44 -5.19 7.53
C VAL A 72 23.22 -5.63 6.08
N TRP A 73 23.79 -4.84 5.16
CA TRP A 73 23.69 -5.08 3.70
C TRP A 73 24.54 -6.31 3.33
N ASP A 74 24.03 -7.13 2.44
CA ASP A 74 24.76 -8.24 1.82
C ASP A 74 25.62 -7.72 0.62
N ILE A 75 26.01 -8.61 -0.28
CA ILE A 75 26.82 -8.23 -1.40
C ILE A 75 25.97 -7.76 -2.58
N GLU A 76 26.24 -6.57 -3.08
CA GLU A 76 25.50 -6.00 -4.21
C GLU A 76 25.64 -6.78 -5.48
N LYS A 77 24.56 -6.96 -6.20
CA LYS A 77 24.55 -7.42 -7.60
C LYS A 77 24.14 -6.27 -8.52
N LYS A 78 24.77 -6.15 -9.69
CA LYS A 78 24.50 -4.96 -10.47
C LYS A 78 24.12 -5.35 -11.93
N GLU A 79 23.14 -4.59 -12.43
CA GLU A 79 22.55 -4.70 -13.74
C GLU A 79 22.84 -3.37 -14.50
N THR A 80 23.28 -3.50 -15.76
CA THR A 80 23.60 -2.30 -16.55
C THR A 80 22.44 -1.72 -17.36
N ALA A 81 21.49 -2.57 -17.71
CA ALA A 81 20.26 -2.09 -18.37
C ALA A 81 19.60 -1.08 -17.48
N PHE A 82 19.13 0.02 -18.07
CA PHE A 82 18.66 1.17 -17.26
C PHE A 82 17.50 1.92 -17.91
N PRO A 83 16.39 1.24 -17.90
CA PRO A 83 15.22 1.81 -18.59
C PRO A 83 14.45 2.75 -17.70
N PHE A 84 15.09 3.83 -17.26
CA PHE A 84 14.45 4.81 -16.33
C PHE A 84 14.81 6.24 -16.68
N LYS A 85 13.95 7.20 -16.33
CA LYS A 85 14.23 8.56 -16.49
C LYS A 85 13.67 9.31 -15.27
N SER A 86 14.48 10.12 -14.62
CA SER A 86 13.96 10.81 -13.45
C SER A 86 12.88 11.82 -13.82
N GLY A 87 11.88 11.95 -12.94
CA GLY A 87 10.68 12.74 -13.15
C GLY A 87 9.62 11.98 -13.92
N SER A 88 9.96 10.79 -14.46
CA SER A 88 8.99 10.04 -15.27
C SER A 88 8.30 8.94 -14.50
N GLU A 89 7.15 8.51 -14.97
CA GLU A 89 6.56 7.27 -14.51
C GLU A 89 7.42 6.07 -14.82
N THR A 90 7.36 5.04 -13.97
CA THR A 90 7.91 3.74 -14.22
C THR A 90 7.08 2.63 -13.58
N MET A 91 7.41 1.38 -13.91
CA MET A 91 6.74 0.20 -13.39
C MET A 91 7.73 -0.91 -13.20
N LEU A 92 7.69 -1.54 -12.04
CA LEU A 92 8.52 -2.67 -11.68
C LEU A 92 7.67 -3.72 -11.17
N ILE A 93 7.85 -4.94 -11.67
CA ILE A 93 7.08 -6.09 -11.21
C ILE A 93 7.99 -7.12 -10.53
N PHE A 94 7.64 -7.62 -9.35
CA PHE A 94 8.48 -8.55 -8.58
C PHE A 94 7.76 -9.86 -8.43
N ASP A 95 8.25 -10.94 -9.02
CA ASP A 95 7.67 -12.26 -8.88
C ASP A 95 8.36 -12.94 -7.68
N PHE A 96 7.62 -13.33 -6.65
CA PHE A 96 8.20 -13.91 -5.44
C PHE A 96 8.22 -15.43 -5.61
N GLU A 97 9.47 -15.93 -5.74
CA GLU A 97 9.73 -17.33 -5.71
C GLU A 97 11.04 -17.57 -4.97
N ASP A 98 11.44 -18.81 -4.82
CA ASP A 98 12.83 -19.08 -4.33
C ASP A 98 13.86 -18.21 -4.96
N CYS A 99 13.71 -17.98 -6.27
CA CYS A 99 14.48 -16.95 -6.94
C CYS A 99 13.53 -15.83 -7.39
N ILE A 100 13.71 -14.64 -6.82
CA ILE A 100 12.88 -13.48 -7.25
C ILE A 100 13.17 -13.10 -8.67
N THR A 101 12.13 -12.76 -9.43
CA THR A 101 12.39 -12.19 -10.73
C THR A 101 11.90 -10.74 -10.73
N VAL A 102 12.76 -9.80 -11.11
CA VAL A 102 12.42 -8.40 -11.23
C VAL A 102 12.19 -8.11 -12.68
N HIS A 103 10.93 -7.85 -13.03
CA HIS A 103 10.63 -7.45 -14.40
C HIS A 103 10.83 -5.95 -14.62
N LEU A 104 11.79 -5.60 -15.43
CA LEU A 104 12.09 -4.24 -15.75
C LEU A 104 11.10 -3.75 -16.82
N PRO A 105 10.95 -2.43 -16.92
CA PRO A 105 9.93 -1.93 -17.89
C PRO A 105 10.35 -2.07 -19.36
N ASP A 106 11.59 -2.42 -19.67
CA ASP A 106 12.07 -2.67 -21.02
C ASP A 106 11.88 -4.12 -21.45
N GLY A 107 11.19 -4.93 -20.66
CA GLY A 107 10.97 -6.33 -20.96
C GLY A 107 11.99 -7.34 -20.49
N LYS A 108 13.09 -6.83 -19.93
CA LYS A 108 14.08 -7.69 -19.31
C LYS A 108 13.65 -8.19 -17.93
N GLU A 109 14.06 -9.43 -17.63
CA GLU A 109 13.80 -10.09 -16.35
C GLU A 109 15.15 -10.34 -15.72
N ILE A 110 15.31 -9.87 -14.48
CA ILE A 110 16.51 -9.90 -13.70
C ILE A 110 16.28 -10.90 -12.56
N PRO A 111 17.08 -11.96 -12.46
CA PRO A 111 16.99 -12.89 -11.33
C PRO A 111 17.71 -12.38 -10.07
N PHE A 112 17.13 -12.69 -8.94
CA PHE A 112 17.76 -12.32 -7.64
C PHE A 112 17.36 -13.40 -6.68
N THR A 113 18.32 -14.24 -6.29
CA THR A 113 17.93 -15.37 -5.46
CA THR A 113 18.00 -15.38 -5.46
C THR A 113 17.71 -14.89 -4.03
N CYS A 114 16.82 -15.57 -3.34
CA CYS A 114 16.60 -15.21 -1.89
C CYS A 114 17.86 -15.52 -1.10
N ARG A 115 18.40 -14.50 -0.43
CA ARG A 115 19.66 -14.64 0.38
C ARG A 115 19.36 -15.35 1.70
N PHE A 116 18.10 -15.32 2.14
CA PHE A 116 17.72 -15.94 3.40
C PHE A 116 16.38 -16.58 3.26
N PRO A 117 16.06 -17.60 4.05
CA PRO A 117 14.74 -18.24 3.84
C PRO A 117 13.61 -17.27 4.24
N ILE A 118 12.59 -17.17 3.37
CA ILE A 118 11.48 -16.30 3.61
C ILE A 118 10.30 -16.95 2.87
N GLU A 119 9.15 -17.03 3.54
CA GLU A 119 7.95 -17.56 2.87
C GLU A 119 6.89 -16.49 2.68
N VAL A 120 6.99 -15.36 3.36
CA VAL A 120 5.96 -14.25 3.16
C VAL A 120 6.71 -12.93 3.18
N ILE A 121 6.49 -12.10 2.19
CA ILE A 121 6.91 -10.71 2.16
C ILE A 121 5.81 -9.87 2.76
N ASN A 122 6.07 -9.26 3.91
CA ASN A 122 5.08 -8.41 4.57
C ASN A 122 5.38 -6.94 4.52
N TYR A 123 6.58 -6.56 4.06
CA TYR A 123 7.03 -5.24 4.03
C TYR A 123 7.41 -4.78 2.63
N LEU A 124 6.88 -3.63 2.23
CA LEU A 124 7.18 -3.01 0.92
C LEU A 124 7.40 -1.57 1.12
N ALA A 125 8.49 -1.02 0.56
CA ALA A 125 8.74 0.39 0.68
C ALA A 125 9.19 1.06 -0.58
N LEU A 126 8.77 2.29 -0.77
CA LEU A 126 9.16 3.11 -1.90
C LEU A 126 9.95 4.30 -1.40
N ASN A 127 11.11 4.58 -2.02
CA ASN A 127 12.01 5.63 -1.63
C ASN A 127 12.35 6.43 -2.91
N ASN A 128 12.11 7.74 -2.88
CA ASN A 128 12.35 8.61 -4.05
C ASN A 128 11.50 8.22 -5.28
N ILE A 129 10.31 7.68 -5.00
CA ILE A 129 9.31 7.42 -6.04
C ILE A 129 7.96 7.53 -5.40
N GLU A 130 7.09 8.31 -6.02
CA GLU A 130 5.78 8.66 -5.54
C GLU A 130 4.84 7.61 -6.02
N LEU A 131 4.06 7.05 -5.18
CA LEU A 131 3.10 6.02 -5.52
C LEU A 131 2.08 6.41 -6.62
N ILE A 132 1.88 5.56 -7.64
CA ILE A 132 0.72 5.65 -8.50
C ILE A 132 -0.20 4.50 -8.20
N SER A 133 0.32 3.26 -8.21
CA SER A 133 -0.42 2.13 -7.80
C SER A 133 0.44 0.96 -7.38
N ILE A 134 -0.11 0.15 -6.51
CA ILE A 134 0.46 -1.17 -6.15
C ILE A 134 -0.61 -2.20 -6.31
N SER A 135 -0.31 -3.30 -6.99
CA SER A 135 -1.27 -4.40 -7.20
C SER A 135 -0.54 -5.70 -6.91
N VAL A 136 -1.27 -6.65 -6.35
CA VAL A 136 -0.81 -8.01 -6.15
C VAL A 136 -1.67 -9.02 -6.93
N HIS A 137 -1.02 -10.06 -7.43
CA HIS A 137 -1.69 -11.11 -8.21
C HIS A 137 -1.06 -12.42 -7.83
N GLY B 1 -10.36 -11.92 19.48
CA GLY B 1 -11.71 -12.55 19.30
C GLY B 1 -12.50 -11.87 18.18
N SER B 2 -13.70 -12.37 17.89
CA SER B 2 -14.40 -11.99 16.65
C SER B 2 -14.97 -10.55 16.68
N MET B 3 -15.01 -9.93 17.87
CA MET B 3 -15.38 -8.47 17.90
C MET B 3 -14.27 -7.59 17.33
N ASP B 4 -13.05 -8.17 17.19
CA ASP B 4 -11.92 -7.49 16.61
C ASP B 4 -11.82 -8.07 15.17
N MET B 5 -11.44 -7.18 14.26
CA MET B 5 -11.08 -7.59 12.93
C MET B 5 -9.60 -8.01 12.88
N GLU B 6 -9.26 -8.90 11.95
CA GLU B 6 -7.87 -9.21 11.64
C GLU B 6 -7.24 -8.00 10.89
N PRO B 7 -6.09 -7.47 11.36
CA PRO B 7 -5.37 -6.47 10.59
C PRO B 7 -4.93 -7.02 9.24
N ASP B 8 -5.12 -6.23 8.22
CA ASP B 8 -4.55 -6.55 6.87
CA ASP B 8 -4.43 -6.60 7.00
C ASP B 8 -3.53 -5.42 6.67
N VAL B 9 -3.40 -5.00 5.43
CA VAL B 9 -2.36 -4.04 5.14
C VAL B 9 -2.49 -2.76 5.97
N ARG B 10 -1.32 -2.15 6.30
CA ARG B 10 -1.28 -0.75 6.68
C ARG B 10 -0.33 -0.02 5.76
N ILE B 11 -0.76 1.11 5.24
CA ILE B 11 0.03 1.93 4.33
C ILE B 11 0.35 3.21 5.10
N THR B 12 1.63 3.60 5.20
CA THR B 12 1.96 4.86 5.73
C THR B 12 2.68 5.73 4.67
N ASN B 13 2.78 7.01 4.93
CA ASN B 13 3.33 7.98 4.07
C ASN B 13 2.58 8.04 2.75
N LEU B 14 1.28 7.88 2.83
CA LEU B 14 0.45 7.91 1.61
C LEU B 14 0.49 9.27 0.88
N ASN B 15 0.64 10.38 1.58
CA ASN B 15 0.74 11.72 1.01
C ASN B 15 -0.39 12.07 0.07
N LEU B 16 -1.60 11.72 0.46
CA LEU B 16 -2.79 12.03 -0.30
C LEU B 16 -3.28 13.42 0.11
N HIS B 17 -3.26 14.34 -0.82
CA HIS B 17 -3.72 15.69 -0.60
C HIS B 17 -5.15 15.92 -1.05
N LYS B 18 -5.80 16.98 -0.58
CA LYS B 18 -7.15 17.28 -1.10
C LYS B 18 -7.12 17.49 -2.64
N GLY B 19 -8.21 17.13 -3.30
CA GLY B 19 -8.32 17.23 -4.74
C GLY B 19 -7.87 15.93 -5.43
N HIS B 20 -7.47 14.95 -4.62
CA HIS B 20 -7.06 13.65 -5.08
C HIS B 20 -7.87 12.54 -4.43
N ARG B 21 -7.77 11.35 -4.99
CA ARG B 21 -8.62 10.20 -4.58
C ARG B 21 -7.72 8.96 -4.46
N VAL B 22 -8.19 8.05 -3.65
CA VAL B 22 -7.58 6.75 -3.46
C VAL B 22 -8.60 5.71 -3.73
N GLU B 23 -8.18 4.70 -4.53
CA GLU B 23 -8.98 3.55 -4.90
C GLU B 23 -8.40 2.29 -4.23
N VAL B 24 -9.20 1.54 -3.50
CA VAL B 24 -8.84 0.31 -2.77
C VAL B 24 -9.71 -0.82 -3.28
N ARG B 25 -9.05 -1.81 -3.84
CA ARG B 25 -9.60 -3.10 -4.18
C ARG B 25 -9.06 -4.19 -3.31
N GLY B 26 -9.95 -5.04 -2.86
CA GLY B 26 -9.55 -6.15 -2.04
C GLY B 26 -10.59 -7.20 -1.93
N ARG B 27 -10.25 -8.32 -1.29
CA ARG B 27 -11.17 -9.44 -1.15
C ARG B 27 -11.62 -9.51 0.34
N ILE B 28 -12.91 -9.41 0.56
CA ILE B 28 -13.47 -9.38 1.90
C ILE B 28 -13.28 -10.76 2.49
N ALA B 29 -12.76 -10.83 3.73
CA ALA B 29 -12.67 -12.13 4.39
C ALA B 29 -13.99 -12.96 4.36
N LYS B 30 -13.85 -14.23 4.01
CA LYS B 30 -15.01 -15.14 3.90
C LYS B 30 -15.62 -15.33 5.29
N GLY B 31 -16.93 -15.15 5.34
CA GLY B 31 -17.73 -15.48 6.52
C GLY B 31 -17.61 -14.40 7.60
N THR B 32 -17.00 -13.27 7.26
CA THR B 32 -16.63 -12.30 8.28
C THR B 32 -17.81 -11.49 8.74
N ASN B 33 -17.71 -10.94 9.98
CA ASN B 33 -18.80 -10.14 10.46
C ASN B 33 -18.83 -8.69 9.96
N ARG B 34 -17.65 -8.19 9.57
CA ARG B 34 -17.49 -6.79 9.22
C ARG B 34 -16.07 -6.64 8.66
N PHE B 35 -15.89 -5.56 7.91
CA PHE B 35 -14.55 -5.18 7.40
C PHE B 35 -14.42 -3.69 7.39
N ALA B 36 -13.22 -3.15 7.31
CA ALA B 36 -13.04 -1.73 7.31
C ALA B 36 -11.90 -1.29 6.46
N VAL B 37 -12.05 -0.09 5.93
CA VAL B 37 -10.94 0.68 5.32
C VAL B 37 -10.91 2.01 6.05
N ASP B 38 -9.74 2.33 6.63
CA ASP B 38 -9.52 3.48 7.46
C ASP B 38 -8.51 4.42 6.83
N LEU B 39 -8.80 5.67 6.91
CA LEU B 39 -7.99 6.78 6.42
C LEU B 39 -7.72 7.80 7.47
N GLY B 40 -6.47 8.26 7.62
CA GLY B 40 -6.19 9.32 8.58
C GLY B 40 -4.75 9.62 8.65
N THR B 41 -4.33 10.05 9.84
CA THR B 41 -2.91 10.35 10.06
C THR B 41 -2.17 9.24 10.72
N ASP B 42 -2.80 8.35 11.49
CA ASP B 42 -2.27 7.17 12.14
C ASP B 42 -3.46 6.45 12.70
N SER B 43 -3.26 5.33 13.38
CA SER B 43 -4.34 4.49 13.80
C SER B 43 -5.23 5.14 14.91
N ARG B 44 -4.66 6.14 15.56
CA ARG B 44 -5.38 6.86 16.60
C ARG B 44 -6.18 8.03 16.10
N ASN B 45 -5.95 8.47 14.87
CA ASN B 45 -6.50 9.69 14.34
C ASN B 45 -6.93 9.39 12.91
N LEU B 46 -8.21 9.09 12.82
CA LEU B 46 -8.90 8.65 11.56
C LEU B 46 -9.87 9.74 11.12
N ILE B 47 -9.70 10.25 9.90
CA ILE B 47 -10.68 11.17 9.31
C ILE B 47 -11.83 10.37 8.72
N CYS B 48 -11.60 9.12 8.32
CA CYS B 48 -12.68 8.29 7.85
C CYS B 48 -12.42 6.84 8.13
N HIS B 49 -13.21 6.24 9.01
CA HIS B 49 -13.29 4.81 9.25
C HIS B 49 -14.53 4.31 8.55
N CYS B 50 -14.40 3.51 7.49
CA CYS B 50 -15.52 3.03 6.66
C CYS B 50 -15.64 1.56 6.96
N ASN B 51 -16.74 1.21 7.67
CA ASN B 51 -16.89 -0.04 8.27
C ASN B 51 -18.20 -0.78 7.87
N PRO B 52 -18.23 -1.38 6.68
CA PRO B 52 -19.41 -2.18 6.42
C PRO B 52 -19.52 -3.38 7.35
N ARG B 53 -20.73 -3.52 7.97
CA ARG B 53 -21.04 -4.56 8.95
C ARG B 53 -22.10 -5.49 8.41
N PHE B 54 -21.67 -6.72 8.23
CA PHE B 54 -22.60 -7.80 7.89
C PHE B 54 -23.53 -8.04 9.12
N GLU B 55 -22.93 -8.32 10.26
CA GLU B 55 -23.62 -8.36 11.54
C GLU B 55 -22.64 -8.06 12.67
N TYR B 56 -22.80 -6.90 13.29
CA TYR B 56 -21.96 -6.49 14.39
C TYR B 56 -22.71 -5.52 15.21
N SER B 57 -22.64 -5.70 16.53
CA SER B 57 -23.36 -4.84 17.45
C SER B 57 -24.84 -4.85 17.08
N VAL B 58 -25.48 -3.69 17.07
CA VAL B 58 -26.89 -3.59 16.66
C VAL B 58 -27.09 -3.54 15.14
N ASP B 59 -26.02 -3.68 14.36
CA ASP B 59 -26.02 -3.40 12.95
C ASP B 59 -25.98 -4.66 12.10
N LYS B 60 -26.88 -4.70 11.14
CA LYS B 60 -26.99 -5.77 10.18
C LYS B 60 -26.99 -5.22 8.74
N ASN B 61 -26.07 -5.67 7.89
CA ASN B 61 -25.98 -5.16 6.52
C ASN B 61 -26.04 -3.64 6.41
N THR B 62 -25.18 -3.00 7.24
CA THR B 62 -25.17 -1.56 7.40
C THR B 62 -23.71 -1.07 7.37
N ILE B 63 -23.52 0.05 6.68
CA ILE B 63 -22.23 0.75 6.71
C ILE B 63 -22.21 1.71 7.88
N VAL B 64 -21.18 1.57 8.75
CA VAL B 64 -20.86 2.51 9.78
C VAL B 64 -19.66 3.33 9.35
N LEU B 65 -19.80 4.65 9.34
CA LEU B 65 -18.67 5.57 9.16
CA LEU B 65 -18.69 5.58 9.18
C LEU B 65 -18.42 6.32 10.48
N ASN B 66 -17.14 6.54 10.79
CA ASN B 66 -16.87 7.38 11.96
C ASN B 66 -15.50 8.00 11.76
N SER B 67 -15.17 8.88 12.68
CA SER B 67 -13.82 9.43 12.81
C SER B 67 -13.28 9.08 14.18
N LYS B 68 -11.97 9.21 14.33
CA LYS B 68 -11.37 8.86 15.66
C LYS B 68 -10.32 9.95 15.89
N GLN B 69 -10.32 10.57 17.10
CA GLN B 69 -9.30 11.55 17.46
C GLN B 69 -8.70 11.24 18.78
N ASN B 70 -7.37 11.21 18.79
CA ASN B 70 -6.66 10.85 20.04
C ASN B 70 -7.17 9.51 20.59
N ASP B 71 -7.42 8.52 19.71
CA ASP B 71 -7.94 7.25 20.00
C ASP B 71 -9.34 7.16 20.66
N VAL B 72 -10.12 8.19 20.41
CA VAL B 72 -11.48 8.19 20.85
C VAL B 72 -12.44 8.36 19.64
N TRP B 73 -13.36 7.46 19.57
CA TRP B 73 -14.35 7.51 18.46
C TRP B 73 -15.35 8.66 18.65
N ASP B 74 -15.78 9.24 17.52
CA ASP B 74 -16.73 10.37 17.48
C ASP B 74 -18.12 9.68 17.25
N ILE B 75 -19.05 10.44 16.62
CA ILE B 75 -20.44 9.90 16.44
C ILE B 75 -20.54 9.10 15.11
N GLU B 76 -21.11 7.93 15.19
CA GLU B 76 -21.27 7.06 14.02
C GLU B 76 -22.29 7.68 13.06
N LYS B 77 -22.01 7.57 11.79
CA LYS B 77 -22.98 7.81 10.71
C LYS B 77 -23.28 6.48 10.04
N LYS B 78 -24.54 6.17 9.83
CA LYS B 78 -24.86 4.87 9.30
C LYS B 78 -25.55 5.03 7.94
N GLU B 79 -25.22 4.15 7.04
CA GLU B 79 -25.77 4.10 5.65
C GLU B 79 -26.32 2.65 5.44
N THR B 80 -27.53 2.60 4.87
CA THR B 80 -28.23 1.39 4.70
C THR B 80 -27.89 0.72 3.37
N ALA B 81 -27.31 1.44 2.43
CA ALA B 81 -26.90 0.79 1.14
C ALA B 81 -25.79 -0.21 1.47
N PHE B 82 -25.88 -1.44 0.96
CA PHE B 82 -24.91 -2.48 1.38
C PHE B 82 -24.47 -3.42 0.26
N PRO B 83 -23.69 -2.83 -0.68
CA PRO B 83 -23.29 -3.63 -1.90
C PRO B 83 -22.04 -4.45 -1.70
N PHE B 84 -22.12 -5.44 -0.77
CA PHE B 84 -20.99 -6.26 -0.42
C PHE B 84 -21.39 -7.68 -0.10
N LYS B 85 -20.49 -8.58 -0.36
CA LYS B 85 -20.64 -10.01 -0.04
C LYS B 85 -19.34 -10.52 0.53
N SER B 86 -19.42 -11.16 1.72
CA SER B 86 -18.21 -11.65 2.29
C SER B 86 -17.58 -12.75 1.41
N GLY B 87 -16.27 -12.78 1.33
CA GLY B 87 -15.52 -13.66 0.47
C GLY B 87 -15.34 -13.18 -0.96
N SER B 88 -16.04 -12.09 -1.31
CA SER B 88 -15.91 -11.53 -2.65
C SER B 88 -14.99 -10.30 -2.72
N GLU B 89 -14.57 -10.00 -3.92
CA GLU B 89 -13.89 -8.75 -4.18
C GLU B 89 -14.82 -7.56 -4.04
N THR B 90 -14.23 -6.39 -3.68
CA THR B 90 -14.94 -5.19 -3.59
C THR B 90 -13.99 -4.04 -3.93
N MET B 91 -14.53 -2.90 -4.20
CA MET B 91 -13.77 -1.68 -4.50
C MET B 91 -14.43 -0.50 -3.82
N LEU B 92 -13.63 0.32 -3.09
CA LEU B 92 -14.08 1.55 -2.50
C LEU B 92 -13.17 2.68 -2.95
N ILE B 93 -13.72 3.80 -3.32
CA ILE B 93 -12.93 4.94 -3.80
C ILE B 93 -13.25 6.11 -2.85
N PHE B 94 -12.22 6.81 -2.38
CA PHE B 94 -12.39 7.94 -1.44
C PHE B 94 -11.86 9.19 -2.08
N ASP B 95 -12.69 10.18 -2.28
CA ASP B 95 -12.30 11.48 -2.82
C ASP B 95 -11.99 12.39 -1.62
N PHE B 96 -10.77 12.82 -1.45
CA PHE B 96 -10.42 13.67 -0.34
C PHE B 96 -10.62 15.15 -0.65
N GLU B 97 -11.58 15.78 0.07
CA GLU B 97 -11.89 17.19 -0.02
C GLU B 97 -12.30 17.56 1.39
N ASP B 98 -12.65 18.85 1.61
CA ASP B 98 -13.24 19.24 2.87
C ASP B 98 -14.36 18.36 3.29
N CYS B 99 -15.16 17.92 2.33
CA CYS B 99 -16.13 16.85 2.51
C CYS B 99 -15.62 15.64 1.74
N ILE B 100 -15.28 14.57 2.44
CA ILE B 100 -14.87 13.30 1.80
C ILE B 100 -16.06 12.73 1.11
N THR B 101 -15.84 12.16 -0.09
CA THR B 101 -16.86 11.40 -0.74
C THR B 101 -16.43 9.90 -0.77
N VAL B 102 -17.21 9.02 -0.16
CA VAL B 102 -17.00 7.56 -0.22
C VAL B 102 -17.85 7.04 -1.41
N HIS B 103 -17.19 6.63 -2.49
CA HIS B 103 -17.85 6.02 -3.66
C HIS B 103 -18.00 4.54 -3.43
N LEU B 104 -19.22 4.09 -3.24
CA LEU B 104 -19.54 2.73 -3.09
C LEU B 104 -19.56 2.01 -4.48
N PRO B 105 -19.39 0.68 -4.48
CA PRO B 105 -19.24 -0.02 -5.81
C PRO B 105 -20.56 -0.14 -6.52
N ASP B 106 -21.69 0.15 -5.87
CA ASP B 106 -23.00 0.20 -6.59
C ASP B 106 -23.27 1.56 -7.24
N GLY B 107 -22.29 2.48 -7.28
CA GLY B 107 -22.47 3.79 -7.81
C GLY B 107 -23.03 4.85 -6.91
N LYS B 108 -23.40 4.51 -5.64
CA LYS B 108 -23.78 5.50 -4.65
C LYS B 108 -22.60 6.14 -3.99
N GLU B 109 -22.79 7.34 -3.52
CA GLU B 109 -21.77 8.05 -2.78
C GLU B 109 -22.29 8.41 -1.40
N ILE B 110 -21.37 8.42 -0.46
CA ILE B 110 -21.68 8.78 0.89
CA ILE B 110 -21.70 8.80 0.92
C ILE B 110 -20.81 9.98 1.25
N PRO B 111 -21.41 11.16 1.51
CA PRO B 111 -20.57 12.31 1.98
C PRO B 111 -20.15 12.08 3.43
N PHE B 112 -18.95 12.51 3.76
CA PHE B 112 -18.51 12.42 5.13
C PHE B 112 -17.66 13.64 5.38
N THR B 113 -18.20 14.64 6.07
CA THR B 113 -17.46 15.90 6.24
C THR B 113 -16.25 15.68 7.13
N CYS B 114 -15.11 16.35 6.85
CA CYS B 114 -13.96 16.25 7.71
C CYS B 114 -14.34 16.79 9.11
N ARG B 115 -14.23 15.96 10.12
CA ARG B 115 -14.60 16.39 11.51
C ARG B 115 -13.51 17.13 12.23
N PHE B 116 -12.29 17.06 11.71
CA PHE B 116 -11.14 17.84 12.24
C PHE B 116 -10.30 18.32 11.07
N PRO B 117 -9.52 19.42 11.21
CA PRO B 117 -8.75 19.91 10.12
C PRO B 117 -7.66 18.91 9.72
N ILE B 118 -7.60 18.63 8.43
CA ILE B 118 -6.55 17.72 7.89
C ILE B 118 -6.24 18.09 6.47
N GLU B 119 -4.97 18.18 6.11
CA GLU B 119 -4.59 18.55 4.75
C GLU B 119 -3.96 17.38 3.99
N VAL B 120 -3.49 16.38 4.71
CA VAL B 120 -2.83 15.19 4.09
C VAL B 120 -3.26 13.96 4.81
N ILE B 121 -3.74 12.97 4.07
CA ILE B 121 -3.94 11.61 4.57
C ILE B 121 -2.75 10.77 4.30
N ASN B 122 -2.10 10.39 5.35
CA ASN B 122 -0.94 9.57 5.21
C ASN B 122 -1.06 8.11 5.59
N TYR B 123 -2.13 7.76 6.35
CA TYR B 123 -2.37 6.47 6.81
C TYR B 123 -3.64 5.88 6.23
N LEU B 124 -3.47 4.66 5.72
CA LEU B 124 -4.58 3.86 5.20
C LEU B 124 -4.48 2.43 5.64
N ALA B 125 -5.55 1.89 6.23
CA ALA B 125 -5.51 0.54 6.71
C ALA B 125 -6.67 -0.30 6.27
N LEU B 126 -6.41 -1.59 6.10
CA LEU B 126 -7.42 -2.55 5.74
C LEU B 126 -7.54 -3.53 6.87
N ASN B 127 -8.78 -3.87 7.25
CA ASN B 127 -9.07 -4.81 8.31
C ASN B 127 -10.16 -5.76 7.77
N ASN B 128 -9.90 -7.06 7.90
CA ASN B 128 -10.75 -8.14 7.39
C ASN B 128 -11.01 -8.03 5.86
N ILE B 129 -10.04 -7.50 5.16
CA ILE B 129 -10.07 -7.47 3.70
C ILE B 129 -8.66 -7.53 3.20
N GLU B 130 -8.40 -8.37 2.22
CA GLU B 130 -7.11 -8.68 1.71
C GLU B 130 -6.80 -7.78 0.54
N LEU B 131 -5.69 -7.09 0.53
CA LEU B 131 -5.36 -6.18 -0.56
C LEU B 131 -5.31 -6.84 -1.91
N ILE B 132 -5.97 -6.22 -2.92
CA ILE B 132 -5.73 -6.53 -4.32
C ILE B 132 -4.95 -5.40 -4.94
N SER B 133 -5.37 -4.14 -4.80
CA SER B 133 -4.64 -3.03 -5.35
C SER B 133 -5.06 -1.75 -4.65
N ILE B 134 -4.14 -0.84 -4.62
CA ILE B 134 -4.37 0.51 -4.21
C ILE B 134 -3.85 1.48 -5.27
N SER B 135 -4.68 2.42 -5.68
CA SER B 135 -4.30 3.40 -6.70
C SER B 135 -4.64 4.80 -6.31
N VAL B 136 -3.77 5.76 -6.61
CA VAL B 136 -4.06 7.17 -6.34
C VAL B 136 -4.12 8.00 -7.60
N HIS B 137 -5.02 8.99 -7.63
CA HIS B 137 -5.19 9.84 -8.80
C HIS B 137 -5.34 11.24 -8.27
#